data_6FFL
#
_entry.id   6FFL
#
_cell.length_a   78.747
_cell.length_b   106.692
_cell.length_c   53.492
_cell.angle_alpha   90.00
_cell.angle_beta   90.00
_cell.angle_gamma   90.00
#
_symmetry.space_group_name_H-M   'P 21 21 2'
#
loop_
_entity.id
_entity.type
_entity.pdbx_description
1 polymer 'Maltose/maltodextrin transport permease homologue'
2 branched alpha-D-glucopyranose-(1-4)-alpha-D-glucopyranose-(1-4)-alpha-D-glucopyranose
3 non-polymer 'PLATINUM (II) ION'
4 non-polymer 'SULFATE ION'
5 water water
#
_entity_poly.entity_id   1
_entity_poly.type   'polypeptide(L)'
_entity_poly.pdbx_seq_one_letter_code
;EDVRIQIWHQMIYGHRQVLAEALEKFEKENPGITVQATYRETEELRSSFQSAAMGGSGPELVYGPSDQVGPFATMGIVRP
LDEVLGSDYFQNFDPLAAPVYDGKHYMIGDAVGNHLMLLYNKKFITTPPKNSQELIELGKKMTVDTNGDGKIDRWGLVFN
YTEPFFFAPFIPAFGEAFLKADGVTPNLNTTALKDTFQFILKLRDQDKIIPKECDYETANALFKENKAAMLINGDWSWGD
YQQAKVDFGIARIPMISETGKWPSPLVGTKGYSLNANMKSEAHYEAAVKLLKYLTSTPVQLLFAEKVGVLPSNLQARESD
IVKNNPLLKISADIMEVGTPMPVTPEVRAVWDSLRIQYQKVLAGSLQPQAAAEQAQITAEQQIRDMNE
;
_entity_poly.pdbx_strand_id   A
#
# COMPACT_ATOMS: atom_id res chain seq x y z
N VAL A 3 25.97 19.33 -8.19
CA VAL A 3 25.38 18.10 -8.68
C VAL A 3 23.87 18.09 -8.45
N ARG A 4 23.12 17.62 -9.45
CA ARG A 4 21.67 17.52 -9.36
C ARG A 4 21.28 16.06 -9.43
N ILE A 5 20.57 15.58 -8.40
CA ILE A 5 20.15 14.18 -8.33
C ILE A 5 18.62 14.13 -8.37
N GLN A 6 18.11 12.93 -8.59
CA GLN A 6 16.69 12.69 -8.83
C GLN A 6 16.13 11.67 -7.86
N ILE A 7 14.89 11.88 -7.43
N ILE A 7 14.91 11.93 -7.39
CA ILE A 7 14.14 10.86 -6.70
CA ILE A 7 14.09 10.93 -6.71
C ILE A 7 12.80 10.67 -7.40
C ILE A 7 12.85 10.71 -7.56
N TRP A 8 12.51 9.44 -7.82
CA TRP A 8 11.19 9.08 -8.33
C TRP A 8 10.45 8.37 -7.21
N HIS A 9 9.21 8.78 -6.93
CA HIS A 9 8.46 8.23 -5.82
C HIS A 9 6.99 8.13 -6.20
N GLN A 10 6.22 7.45 -5.35
CA GLN A 10 4.78 7.30 -5.55
C GLN A 10 3.98 7.88 -4.38
N MET A 11 4.46 8.98 -3.81
CA MET A 11 3.85 9.57 -2.62
C MET A 11 2.59 10.36 -2.95
N ILE A 12 1.51 10.07 -2.21
CA ILE A 12 0.26 10.80 -2.30
C ILE A 12 0.46 12.26 -1.88
N TYR A 13 -0.50 13.10 -2.30
CA TYR A 13 -0.44 14.54 -2.08
C TYR A 13 0.12 14.95 -0.71
N GLY A 14 -0.54 14.53 0.37
CA GLY A 14 -0.12 14.95 1.70
C GLY A 14 1.31 14.54 2.03
N HIS A 15 1.73 13.36 1.58
CA HIS A 15 3.08 12.90 1.85
C HIS A 15 4.10 13.61 0.97
N ARG A 16 3.76 13.88 -0.29
CA ARG A 16 4.75 14.60 -1.11
C ARG A 16 4.85 16.07 -0.71
N GLN A 17 3.81 16.64 -0.09
CA GLN A 17 3.98 17.97 0.51
C GLN A 17 5.06 17.93 1.58
N VAL A 18 5.08 16.88 2.40
CA VAL A 18 6.10 16.77 3.44
C VAL A 18 7.47 16.53 2.80
N LEU A 19 7.53 15.69 1.78
CA LEU A 19 8.78 15.48 1.06
C LEU A 19 9.36 16.80 0.55
N ALA A 20 8.50 17.64 -0.04
CA ALA A 20 8.97 18.92 -0.55
C ALA A 20 9.58 19.78 0.56
N GLU A 21 8.95 19.80 1.74
CA GLU A 21 9.52 20.55 2.85
C GLU A 21 10.87 19.97 3.27
N ALA A 22 10.96 18.65 3.33
CA ALA A 22 12.22 18.02 3.70
C ALA A 22 13.30 18.28 2.66
N LEU A 23 12.94 18.21 1.37
CA LEU A 23 13.93 18.44 0.31
C LEU A 23 14.41 19.88 0.33
N GLU A 24 13.52 20.82 0.65
CA GLU A 24 13.91 22.23 0.73
C GLU A 24 14.94 22.43 1.83
N LYS A 25 14.76 21.76 2.98
CA LYS A 25 15.73 21.86 4.06
C LYS A 25 17.04 21.18 3.67
N PHE A 26 16.96 20.06 2.96
CA PHE A 26 18.17 19.35 2.54
C PHE A 26 19.04 20.25 1.65
N GLU A 27 18.40 20.90 0.67
CA GLU A 27 19.15 21.76 -0.24
C GLU A 27 19.75 22.96 0.48
N LYS A 28 19.04 23.49 1.49
CA LYS A 28 19.59 24.59 2.28
C LYS A 28 20.84 24.14 3.04
N GLU A 29 20.81 22.93 3.59
CA GLU A 29 21.93 22.41 4.38
C GLU A 29 23.04 21.80 3.54
N ASN A 30 22.81 21.56 2.25
CA ASN A 30 23.80 20.92 1.39
C ASN A 30 24.02 21.76 0.15
N PRO A 31 24.68 22.91 0.28
CA PRO A 31 25.09 23.66 -0.92
C PRO A 31 25.86 22.75 -1.86
N GLY A 32 25.55 22.87 -3.15
CA GLY A 32 26.15 22.03 -4.16
C GLY A 32 25.27 20.87 -4.59
N ILE A 33 24.25 20.52 -3.81
CA ILE A 33 23.33 19.44 -4.16
C ILE A 33 21.94 20.01 -4.30
N THR A 34 21.31 19.75 -5.45
CA THR A 34 19.89 20.00 -5.62
C THR A 34 19.20 18.71 -6.04
N VAL A 35 17.89 18.65 -5.83
CA VAL A 35 17.14 17.41 -5.99
C VAL A 35 15.92 17.68 -6.86
N GLN A 36 15.73 16.85 -7.88
CA GLN A 36 14.51 16.85 -8.69
C GLN A 36 13.65 15.66 -8.30
N ALA A 37 12.43 15.93 -7.81
CA ALA A 37 11.52 14.87 -7.44
C ALA A 37 10.45 14.70 -8.50
N THR A 38 10.09 13.45 -8.77
CA THR A 38 9.08 13.13 -9.77
C THR A 38 8.11 12.12 -9.18
N TYR A 39 6.82 12.44 -9.24
CA TYR A 39 5.77 11.53 -8.79
C TYR A 39 5.34 10.61 -9.94
N ARG A 40 5.26 9.32 -9.66
CA ARG A 40 4.60 8.38 -10.55
C ARG A 40 3.75 7.44 -9.71
N GLU A 41 2.54 7.15 -10.18
CA GLU A 41 1.68 6.22 -9.48
C GLU A 41 2.39 4.88 -9.36
N THR A 42 2.11 4.17 -8.27
CA THR A 42 2.84 2.95 -7.88
C THR A 42 3.16 2.00 -9.03
N GLU A 43 2.16 1.63 -9.84
CA GLU A 43 2.41 0.71 -10.95
C GLU A 43 3.36 1.33 -11.97
N GLU A 44 3.11 2.59 -12.36
CA GLU A 44 3.96 3.22 -13.36
C GLU A 44 5.35 3.50 -12.81
N LEU A 45 5.48 3.76 -11.51
CA LEU A 45 6.80 3.94 -10.92
C LEU A 45 7.63 2.68 -11.08
N ARG A 46 7.04 1.52 -10.79
CA ARG A 46 7.77 0.26 -10.96
C ARG A 46 8.19 0.07 -12.41
N SER A 47 7.25 0.18 -13.34
CA SER A 47 7.58 -0.14 -14.73
C SER A 47 8.52 0.90 -15.34
N SER A 48 8.34 2.18 -14.98
CA SER A 48 9.21 3.22 -15.56
C SER A 48 10.62 3.17 -14.97
N PHE A 49 10.76 2.87 -13.67
CA PHE A 49 12.09 2.69 -13.12
C PHE A 49 12.79 1.50 -13.76
N GLN A 50 12.07 0.39 -13.93
CA GLN A 50 12.68 -0.79 -14.55
C GLN A 50 13.16 -0.45 -15.96
N SER A 51 12.30 0.22 -16.75
N SER A 51 12.31 0.22 -16.75
CA SER A 51 12.66 0.54 -18.12
CA SER A 51 12.69 0.53 -18.12
C SER A 51 13.84 1.51 -18.17
C SER A 51 13.84 1.52 -18.18
N ALA A 52 13.81 2.55 -17.34
CA ALA A 52 14.88 3.54 -17.36
C ALA A 52 16.21 2.94 -16.91
N ALA A 53 16.19 2.12 -15.86
CA ALA A 53 17.43 1.57 -15.33
C ALA A 53 17.99 0.50 -16.25
N MET A 54 17.12 -0.29 -16.89
CA MET A 54 17.63 -1.26 -17.86
C MET A 54 18.24 -0.56 -19.06
N GLY A 55 17.70 0.58 -19.45
CA GLY A 55 18.25 1.42 -20.49
C GLY A 55 19.48 2.21 -20.10
N GLY A 56 20.02 1.96 -18.91
CA GLY A 56 21.25 2.59 -18.48
C GLY A 56 21.10 3.88 -17.71
N SER A 57 19.88 4.27 -17.35
CA SER A 57 19.67 5.56 -16.72
C SER A 57 18.79 5.44 -15.48
N GLY A 58 17.84 6.34 -15.32
CA GLY A 58 16.96 6.34 -14.17
C GLY A 58 17.45 7.24 -13.05
N PRO A 59 16.58 7.47 -12.07
CA PRO A 59 16.94 8.34 -10.95
C PRO A 59 17.90 7.67 -9.98
N GLU A 60 18.64 8.50 -9.25
CA GLU A 60 19.55 7.98 -8.22
C GLU A 60 18.78 7.28 -7.12
N LEU A 61 17.63 7.83 -6.72
N LEU A 61 17.63 7.81 -6.73
CA LEU A 61 16.79 7.27 -5.68
CA LEU A 61 16.81 7.25 -5.67
C LEU A 61 15.43 6.91 -6.26
C LEU A 61 15.42 6.93 -6.21
N VAL A 62 14.88 5.79 -5.80
CA VAL A 62 13.50 5.40 -6.12
C VAL A 62 12.82 4.97 -4.83
N TYR A 63 11.56 5.39 -4.65
CA TYR A 63 10.83 5.19 -3.40
C TYR A 63 9.50 4.54 -3.70
N GLY A 64 9.22 3.40 -3.06
CA GLY A 64 7.93 2.76 -3.22
C GLY A 64 7.78 1.54 -2.33
N PRO A 65 6.69 0.79 -2.54
CA PRO A 65 6.36 -0.31 -1.61
C PRO A 65 7.43 -1.39 -1.60
N SER A 66 7.52 -2.10 -0.48
CA SER A 66 8.63 -3.01 -0.29
C SER A 66 8.62 -4.19 -1.27
N ASP A 67 7.47 -4.57 -1.85
CA ASP A 67 7.55 -5.70 -2.77
C ASP A 67 8.26 -5.33 -4.07
N GLN A 68 8.61 -4.06 -4.29
CA GLN A 68 9.39 -3.85 -5.51
C GLN A 68 10.84 -4.29 -5.35
N VAL A 69 11.25 -4.72 -4.16
CA VAL A 69 12.62 -5.19 -3.94
C VAL A 69 12.93 -6.39 -4.83
N GLY A 70 12.05 -7.39 -4.85
CA GLY A 70 12.28 -8.61 -5.58
C GLY A 70 12.61 -8.37 -7.05
N PRO A 71 11.71 -7.71 -7.77
CA PRO A 71 12.00 -7.42 -9.18
C PRO A 71 13.21 -6.53 -9.37
N PHE A 72 13.34 -5.47 -8.57
CA PHE A 72 14.46 -4.56 -8.74
C PHE A 72 15.78 -5.28 -8.49
N ALA A 73 15.84 -6.07 -7.42
CA ALA A 73 17.09 -6.74 -7.08
C ALA A 73 17.44 -7.82 -8.10
N THR A 74 16.46 -8.63 -8.49
CA THR A 74 16.78 -9.72 -9.43
C THR A 74 17.16 -9.20 -10.81
N MET A 75 16.70 -8.01 -11.19
CA MET A 75 17.12 -7.39 -12.45
C MET A 75 18.45 -6.66 -12.33
N GLY A 76 19.04 -6.63 -11.13
CA GLY A 76 20.31 -5.97 -10.90
C GLY A 76 20.28 -4.47 -11.06
N ILE A 77 19.14 -3.82 -10.80
CA ILE A 77 19.06 -2.38 -11.04
C ILE A 77 19.06 -1.55 -9.76
N VAL A 78 19.18 -2.18 -8.59
CA VAL A 78 19.37 -1.43 -7.35
C VAL A 78 20.51 -2.03 -6.55
N ARG A 79 21.14 -1.19 -5.71
CA ARG A 79 22.37 -1.58 -5.01
C ARG A 79 22.04 -2.18 -3.65
N PRO A 80 22.73 -3.24 -3.22
CA PRO A 80 22.62 -3.67 -1.81
C PRO A 80 23.07 -2.53 -0.92
N LEU A 81 22.33 -2.30 0.17
CA LEU A 81 22.61 -1.17 1.05
C LEU A 81 23.48 -1.54 2.24
N ASP A 82 23.71 -2.83 2.47
CA ASP A 82 24.43 -3.29 3.65
C ASP A 82 25.80 -2.64 3.76
N GLU A 83 26.56 -2.64 2.67
CA GLU A 83 27.88 -2.02 2.68
C GLU A 83 27.79 -0.50 2.62
N VAL A 84 26.72 0.03 2.04
CA VAL A 84 26.56 1.48 1.91
C VAL A 84 26.30 2.10 3.28
N LEU A 85 25.37 1.53 4.05
CA LEU A 85 24.94 2.12 5.31
C LEU A 85 25.51 1.42 6.54
N GLY A 86 26.03 0.21 6.41
CA GLY A 86 26.53 -0.53 7.57
C GLY A 86 25.44 -1.35 8.25
N SER A 87 25.88 -2.40 8.95
CA SER A 87 24.95 -3.29 9.63
C SER A 87 24.33 -2.65 10.87
N ASP A 88 25.13 -1.90 11.62
CA ASP A 88 24.57 -1.19 12.77
C ASP A 88 23.47 -0.21 12.37
N TYR A 89 23.43 0.21 11.11
CA TYR A 89 22.35 1.07 10.65
C TYR A 89 21.01 0.36 10.75
N PHE A 90 20.91 -0.87 10.21
CA PHE A 90 19.60 -1.49 10.05
C PHE A 90 19.00 -1.95 11.37
N GLN A 91 19.83 -2.24 12.38
N GLN A 91 19.83 -2.23 12.38
CA GLN A 91 19.28 -2.65 13.68
CA GLN A 91 19.31 -2.64 13.68
C GLN A 91 18.54 -1.52 14.39
C GLN A 91 18.55 -1.52 14.38
N ASN A 92 18.66 -0.28 13.91
CA ASN A 92 17.97 0.84 14.52
C ASN A 92 16.55 1.01 14.01
N PHE A 93 16.12 0.17 13.07
CA PHE A 93 14.81 0.28 12.44
C PHE A 93 14.02 -1.00 12.63
N ASP A 94 12.70 -0.85 12.73
CA ASP A 94 11.78 -1.97 12.61
C ASP A 94 12.16 -2.81 11.40
N PRO A 95 12.33 -4.14 11.55
CA PRO A 95 12.67 -4.97 10.38
C PRO A 95 11.66 -4.89 9.25
N LEU A 96 10.40 -4.56 9.54
CA LEU A 96 9.42 -4.39 8.46
C LEU A 96 9.78 -3.25 7.52
N ALA A 97 10.59 -2.30 7.98
CA ALA A 97 11.02 -1.20 7.13
C ALA A 97 12.25 -1.53 6.32
N ALA A 98 12.86 -2.69 6.53
CA ALA A 98 14.06 -3.10 5.77
C ALA A 98 13.96 -4.58 5.46
N PRO A 99 12.99 -4.98 4.63
CA PRO A 99 12.81 -6.41 4.34
C PRO A 99 14.03 -6.97 3.63
N VAL A 100 14.42 -8.18 4.02
CA VAL A 100 15.60 -8.84 3.47
C VAL A 100 15.18 -9.67 2.26
N TYR A 101 16.02 -9.65 1.23
CA TYR A 101 15.80 -10.47 0.06
C TYR A 101 17.15 -10.98 -0.41
N ASP A 102 17.26 -12.29 -0.62
CA ASP A 102 18.53 -12.88 -1.06
C ASP A 102 19.64 -12.53 -0.09
N GLY A 103 19.30 -12.44 1.20
CA GLY A 103 20.27 -12.18 2.24
C GLY A 103 20.76 -10.75 2.34
N LYS A 104 20.19 -9.82 1.58
CA LYS A 104 20.67 -8.44 1.56
C LYS A 104 19.52 -7.46 1.76
N HIS A 105 19.89 -6.23 2.12
CA HIS A 105 18.94 -5.13 2.29
C HIS A 105 18.97 -4.25 1.04
N TYR A 106 17.87 -4.20 0.30
CA TYR A 106 17.82 -3.34 -0.88
C TYR A 106 17.00 -2.07 -0.67
N MET A 107 16.33 -1.93 0.48
CA MET A 107 15.41 -0.83 0.69
C MET A 107 15.43 -0.43 2.16
N ILE A 108 15.32 0.87 2.44
CA ILE A 108 15.07 1.33 3.80
C ILE A 108 13.88 2.28 3.78
N GLY A 109 12.85 1.95 4.55
CA GLY A 109 11.67 2.78 4.63
C GLY A 109 11.72 3.76 5.78
N ASP A 110 10.96 4.85 5.61
CA ASP A 110 10.88 5.90 6.62
C ASP A 110 9.72 5.71 7.58
N ALA A 111 8.84 4.75 7.32
CA ALA A 111 7.70 4.49 8.18
C ALA A 111 7.38 3.01 8.11
N VAL A 112 6.46 2.57 8.95
CA VAL A 112 5.97 1.20 8.91
C VAL A 112 4.45 1.25 8.86
N GLY A 113 3.86 0.43 8.01
CA GLY A 113 2.41 0.40 7.90
C GLY A 113 2.03 -0.08 6.52
N ASN A 114 1.56 0.82 5.67
CA ASN A 114 1.11 0.48 4.32
C ASN A 114 -0.08 -0.46 4.36
N HIS A 115 -0.83 -0.45 5.45
CA HIS A 115 -1.86 -1.44 5.71
C HIS A 115 -3.25 -0.86 5.48
N LEU A 116 -4.16 -1.69 4.98
CA LEU A 116 -5.54 -1.30 4.77
C LEU A 116 -6.36 -1.49 6.04
N MET A 117 -7.42 -0.69 6.15
CA MET A 117 -8.28 -0.72 7.33
C MET A 117 -9.64 -0.18 6.93
N LEU A 118 -10.60 -0.30 7.83
CA LEU A 118 -11.89 0.38 7.66
C LEU A 118 -11.76 1.80 8.21
N LEU A 119 -12.22 2.78 7.43
CA LEU A 119 -12.34 4.14 7.92
C LEU A 119 -13.82 4.47 7.90
N TYR A 120 -14.27 5.25 8.86
CA TYR A 120 -15.69 5.60 8.90
C TYR A 120 -15.83 7.07 9.24
N ASN A 121 -16.82 7.72 8.63
CA ASN A 121 -17.10 9.13 8.83
C ASN A 121 -18.01 9.27 10.06
N LYS A 122 -17.50 9.94 11.10
CA LYS A 122 -18.26 10.07 12.33
C LYS A 122 -19.47 10.97 12.20
N LYS A 123 -19.64 11.67 11.07
CA LYS A 123 -20.92 12.31 10.79
C LYS A 123 -22.05 11.29 10.74
N PHE A 124 -21.74 10.06 10.34
CA PHE A 124 -22.73 9.01 10.12
C PHE A 124 -22.62 7.85 11.08
N ILE A 125 -21.40 7.49 11.50
CA ILE A 125 -21.17 6.28 12.26
C ILE A 125 -20.31 6.60 13.47
N THR A 126 -20.77 6.21 14.66
CA THR A 126 -20.01 6.32 15.90
C THR A 126 -19.36 5.01 16.30
N THR A 127 -20.04 3.89 16.08
CA THR A 127 -19.53 2.57 16.44
C THR A 127 -19.35 1.75 15.17
N PRO A 128 -18.13 1.40 14.79
CA PRO A 128 -17.93 0.70 13.52
C PRO A 128 -18.42 -0.73 13.59
N PRO A 129 -18.76 -1.34 12.45
CA PRO A 129 -19.14 -2.75 12.45
C PRO A 129 -17.94 -3.63 12.76
N LYS A 130 -18.18 -4.69 13.53
CA LYS A 130 -17.11 -5.61 13.91
C LYS A 130 -17.09 -6.88 13.06
N ASN A 131 -18.14 -7.15 12.29
CA ASN A 131 -18.13 -8.30 11.39
C ASN A 131 -18.87 -7.96 10.11
N SER A 132 -18.79 -8.88 9.15
CA SER A 132 -19.30 -8.61 7.81
C SER A 132 -20.82 -8.53 7.79
N GLN A 133 -21.50 -9.28 8.65
CA GLN A 133 -22.96 -9.14 8.69
C GLN A 133 -23.35 -7.75 9.15
N GLU A 134 -22.69 -7.24 10.19
CA GLU A 134 -22.91 -5.86 10.63
C GLU A 134 -22.52 -4.87 9.56
N LEU A 135 -21.41 -5.13 8.87
CA LEU A 135 -20.97 -4.22 7.80
C LEU A 135 -22.03 -4.09 6.73
N ILE A 136 -22.67 -5.20 6.36
CA ILE A 136 -23.65 -5.16 5.28
C ILE A 136 -24.93 -4.48 5.75
N GLU A 137 -25.39 -4.82 6.96
CA GLU A 137 -26.59 -4.20 7.49
C GLU A 137 -26.44 -2.69 7.59
N LEU A 138 -25.34 -2.24 8.20
CA LEU A 138 -25.07 -0.80 8.28
C LEU A 138 -24.89 -0.20 6.89
N GLY A 139 -24.15 -0.89 6.03
CA GLY A 139 -23.93 -0.40 4.69
C GLY A 139 -25.22 -0.18 3.92
N LYS A 140 -26.20 -1.07 4.09
CA LYS A 140 -27.49 -0.88 3.43
C LYS A 140 -28.20 0.34 3.97
N LYS A 141 -28.16 0.55 5.29
CA LYS A 141 -28.84 1.71 5.86
C LYS A 141 -28.17 3.01 5.43
N MET A 142 -26.86 2.97 5.18
CA MET A 142 -26.10 4.15 4.81
C MET A 142 -26.08 4.42 3.31
N THR A 143 -26.67 3.54 2.49
CA THR A 143 -26.79 3.73 1.05
C THR A 143 -28.15 4.34 0.78
N VAL A 144 -28.18 5.57 0.25
N VAL A 144 -28.17 5.57 0.27
CA VAL A 144 -29.43 6.33 0.20
CA VAL A 144 -29.41 6.32 0.16
C VAL A 144 -29.59 7.00 -1.15
C VAL A 144 -29.56 6.88 -1.25
N ASP A 145 -30.81 6.96 -1.68
CA ASP A 145 -31.20 7.62 -2.91
C ASP A 145 -32.26 8.63 -2.50
N THR A 146 -31.84 9.89 -2.34
CA THR A 146 -32.72 10.93 -1.81
C THR A 146 -33.95 11.13 -2.70
N ASN A 147 -33.74 11.19 -4.02
CA ASN A 147 -34.83 11.52 -4.94
C ASN A 147 -35.53 10.29 -5.48
N GLY A 148 -35.20 9.10 -4.98
CA GLY A 148 -35.84 7.88 -5.45
C GLY A 148 -35.68 7.64 -6.93
N ASP A 149 -34.61 8.15 -7.53
CA ASP A 149 -34.43 8.12 -8.98
C ASP A 149 -33.42 7.08 -9.44
N GLY A 150 -33.07 6.13 -8.57
CA GLY A 150 -32.07 5.14 -8.89
C GLY A 150 -30.64 5.64 -8.80
N LYS A 151 -30.44 6.95 -8.82
CA LYS A 151 -29.11 7.50 -8.64
C LYS A 151 -28.80 7.59 -7.15
N ILE A 152 -27.70 6.97 -6.73
CA ILE A 152 -27.35 6.89 -5.33
C ILE A 152 -26.57 8.15 -4.93
N ASP A 153 -27.01 8.80 -3.87
CA ASP A 153 -26.40 10.02 -3.37
C ASP A 153 -25.30 9.75 -2.34
N ARG A 154 -25.49 8.76 -1.48
N ARG A 154 -25.51 8.77 -1.48
CA ARG A 154 -24.49 8.40 -0.50
CA ARG A 154 -24.56 8.36 -0.45
C ARG A 154 -24.36 6.88 -0.48
C ARG A 154 -24.37 6.86 -0.53
N TRP A 155 -23.13 6.40 -0.40
CA TRP A 155 -22.82 4.98 -0.41
C TRP A 155 -22.49 4.49 0.98
N GLY A 156 -22.90 3.27 1.29
CA GLY A 156 -22.53 2.69 2.57
C GLY A 156 -21.04 2.44 2.67
N LEU A 157 -20.43 2.00 1.57
CA LEU A 157 -19.03 1.59 1.59
C LEU A 157 -18.41 1.86 0.23
N VAL A 158 -17.20 2.41 0.22
CA VAL A 158 -16.44 2.59 -1.02
C VAL A 158 -15.03 2.08 -0.81
N PHE A 159 -14.47 1.50 -1.87
CA PHE A 159 -13.03 1.22 -1.91
C PHE A 159 -12.67 0.79 -3.32
N ASN A 160 -11.36 0.78 -3.57
CA ASN A 160 -10.79 0.47 -4.87
C ASN A 160 -10.76 -1.05 -5.04
N TYR A 161 -11.96 -1.64 -5.10
CA TYR A 161 -12.09 -3.09 -4.97
C TYR A 161 -11.66 -3.85 -6.22
N THR A 162 -11.37 -3.18 -7.33
CA THR A 162 -10.80 -3.87 -8.48
C THR A 162 -9.31 -4.16 -8.32
N GLU A 163 -8.64 -3.41 -7.48
CA GLU A 163 -7.19 -3.47 -7.31
C GLU A 163 -6.84 -4.61 -6.36
N PRO A 164 -5.95 -5.55 -6.75
CA PRO A 164 -5.75 -6.74 -5.92
C PRO A 164 -5.33 -6.45 -4.49
N PHE A 165 -4.53 -5.41 -4.26
CA PHE A 165 -4.14 -5.08 -2.88
C PHE A 165 -5.37 -4.93 -1.99
N PHE A 166 -6.46 -4.42 -2.56
CA PHE A 166 -7.64 -4.10 -1.76
C PHE A 166 -8.54 -5.30 -1.51
N PHE A 167 -8.46 -6.37 -2.31
CA PHE A 167 -9.18 -7.57 -1.90
C PHE A 167 -8.28 -8.65 -1.30
N ALA A 168 -6.97 -8.47 -1.36
CA ALA A 168 -6.04 -9.41 -0.72
C ALA A 168 -6.34 -9.69 0.76
N PRO A 169 -6.74 -8.73 1.60
CA PRO A 169 -6.96 -9.08 3.01
C PRO A 169 -8.02 -10.14 3.21
N PHE A 170 -9.00 -10.23 2.30
CA PHE A 170 -10.09 -11.19 2.50
C PHE A 170 -9.67 -12.61 2.19
N ILE A 171 -8.65 -12.80 1.36
CA ILE A 171 -8.30 -14.14 0.90
C ILE A 171 -8.04 -15.07 2.10
N PRO A 172 -7.11 -14.75 3.02
CA PRO A 172 -6.89 -15.67 4.14
C PRO A 172 -8.07 -15.78 5.09
N ALA A 173 -8.96 -14.79 5.14
CA ALA A 173 -10.14 -14.92 5.98
C ALA A 173 -11.11 -15.96 5.43
N PHE A 174 -11.02 -16.27 4.14
CA PHE A 174 -11.83 -17.32 3.53
C PHE A 174 -11.08 -18.63 3.41
N GLY A 175 -9.85 -18.70 3.90
CA GLY A 175 -9.07 -19.92 3.79
C GLY A 175 -7.59 -19.67 3.56
N GLU A 176 -7.04 -20.25 2.50
CA GLU A 176 -5.60 -20.27 2.33
C GLU A 176 -5.06 -18.89 1.94
N ALA A 177 -3.84 -18.59 2.41
CA ALA A 177 -3.09 -17.43 1.93
C ALA A 177 -2.85 -17.54 0.42
N PHE A 178 -2.57 -16.40 -0.22
CA PHE A 178 -2.39 -16.43 -1.67
C PHE A 178 -0.99 -16.83 -2.10
N LEU A 179 -0.06 -16.94 -1.16
CA LEU A 179 1.29 -17.43 -1.42
C LEU A 179 1.54 -18.57 -0.45
N LYS A 180 2.14 -19.65 -0.93
CA LYS A 180 2.45 -20.77 -0.06
C LYS A 180 3.55 -20.39 0.92
N ALA A 181 3.83 -21.30 1.86
CA ALA A 181 4.77 -21.00 2.94
C ALA A 181 6.17 -20.72 2.41
N ASP A 182 6.54 -21.32 1.28
CA ASP A 182 7.87 -21.09 0.72
C ASP A 182 8.06 -19.67 0.22
N GLY A 183 7.00 -18.87 0.19
CA GLY A 183 7.09 -17.49 -0.24
C GLY A 183 7.26 -17.29 -1.73
N VAL A 184 7.21 -18.35 -2.54
CA VAL A 184 7.41 -18.22 -3.98
C VAL A 184 6.36 -18.95 -4.81
N THR A 185 5.60 -19.90 -4.26
CA THR A 185 4.63 -20.63 -5.06
C THR A 185 3.26 -19.98 -4.93
N PRO A 186 2.66 -19.51 -6.03
CA PRO A 186 1.30 -18.98 -5.95
C PRO A 186 0.33 -20.03 -5.45
N ASN A 187 -0.67 -19.58 -4.67
CA ASN A 187 -1.72 -20.42 -4.15
C ASN A 187 -3.05 -19.73 -4.44
N LEU A 188 -3.41 -19.67 -5.72
CA LEU A 188 -4.57 -18.91 -6.15
C LEU A 188 -5.77 -19.77 -6.56
N ASN A 189 -5.53 -21.02 -6.95
CA ASN A 189 -6.65 -21.89 -7.36
C ASN A 189 -7.28 -22.52 -6.12
N THR A 190 -7.92 -21.67 -5.32
CA THR A 190 -8.39 -22.03 -4.00
C THR A 190 -9.83 -21.61 -3.81
N THR A 191 -10.50 -22.30 -2.90
N THR A 191 -10.52 -22.29 -2.89
CA THR A 191 -11.83 -21.85 -2.49
CA THR A 191 -11.85 -21.83 -2.52
C THR A 191 -11.77 -20.44 -1.92
C THR A 191 -11.79 -20.46 -1.87
N ALA A 192 -10.68 -20.14 -1.20
CA ALA A 192 -10.55 -18.83 -0.56
C ALA A 192 -10.59 -17.71 -1.60
N LEU A 193 -9.85 -17.86 -2.71
CA LEU A 193 -9.89 -16.79 -3.72
C LEU A 193 -11.26 -16.74 -4.40
N LYS A 194 -11.83 -17.90 -4.75
CA LYS A 194 -13.17 -17.89 -5.32
C LYS A 194 -14.15 -17.18 -4.39
N ASP A 195 -14.08 -17.49 -3.09
CA ASP A 195 -15.00 -16.90 -2.12
C ASP A 195 -14.78 -15.39 -1.98
N THR A 196 -13.52 -14.96 -2.08
CA THR A 196 -13.21 -13.53 -2.06
C THR A 196 -13.83 -12.83 -3.26
N PHE A 197 -13.61 -13.39 -4.45
CA PHE A 197 -14.27 -12.88 -5.65
C PHE A 197 -15.78 -12.78 -5.45
N GLN A 198 -16.39 -13.82 -4.89
CA GLN A 198 -17.84 -13.82 -4.76
C GLN A 198 -18.31 -12.85 -3.69
N PHE A 199 -17.53 -12.69 -2.61
CA PHE A 199 -17.90 -11.77 -1.54
C PHE A 199 -18.03 -10.35 -2.07
N ILE A 200 -17.07 -9.93 -2.88
CA ILE A 200 -17.13 -8.56 -3.39
C ILE A 200 -18.21 -8.42 -4.45
N LEU A 201 -18.42 -9.45 -5.28
CA LEU A 201 -19.56 -9.41 -6.19
C LEU A 201 -20.86 -9.26 -5.43
N LYS A 202 -20.98 -9.92 -4.28
CA LYS A 202 -22.21 -9.82 -3.49
C LYS A 202 -22.39 -8.41 -2.95
N LEU A 203 -21.31 -7.80 -2.45
CA LEU A 203 -21.39 -6.41 -1.99
C LEU A 203 -21.87 -5.49 -3.10
N ARG A 204 -21.43 -5.73 -4.34
CA ARG A 204 -21.75 -4.82 -5.43
C ARG A 204 -23.14 -5.08 -6.00
N ASP A 205 -23.53 -6.35 -6.15
CA ASP A 205 -24.68 -6.70 -6.98
C ASP A 205 -25.88 -7.17 -6.19
N GLN A 206 -25.66 -7.71 -5.00
CA GLN A 206 -26.72 -8.26 -4.19
C GLN A 206 -27.08 -7.33 -3.03
N ASP A 207 -26.10 -7.04 -2.17
CA ASP A 207 -26.34 -6.08 -1.10
C ASP A 207 -26.39 -4.66 -1.64
N LYS A 208 -25.63 -4.38 -2.70
CA LYS A 208 -25.62 -3.08 -3.37
C LYS A 208 -25.25 -1.96 -2.41
N ILE A 209 -24.17 -2.18 -1.67
CA ILE A 209 -23.66 -1.17 -0.74
C ILE A 209 -22.36 -0.53 -1.21
N ILE A 210 -21.77 -1.00 -2.32
CA ILE A 210 -20.60 -0.36 -2.94
C ILE A 210 -20.95 0.00 -4.36
N PRO A 211 -20.35 1.04 -4.93
CA PRO A 211 -20.72 1.47 -6.29
C PRO A 211 -20.32 0.45 -7.35
N LYS A 212 -21.04 0.50 -8.48
CA LYS A 212 -20.71 -0.39 -9.60
C LYS A 212 -19.36 -0.03 -10.23
N GLU A 213 -18.97 1.25 -10.17
CA GLU A 213 -17.68 1.71 -10.65
C GLU A 213 -17.04 2.53 -9.53
N CYS A 214 -15.84 2.14 -9.12
CA CYS A 214 -15.25 2.79 -7.96
C CYS A 214 -13.74 2.59 -8.02
N ASP A 215 -13.05 3.51 -8.70
CA ASP A 215 -11.60 3.47 -8.70
C ASP A 215 -11.08 4.20 -7.45
N TYR A 216 -9.76 4.30 -7.31
CA TYR A 216 -9.20 4.87 -6.09
C TYR A 216 -9.69 6.29 -5.87
N GLU A 217 -9.61 7.13 -6.91
CA GLU A 217 -9.95 8.53 -6.72
C GLU A 217 -11.44 8.71 -6.47
N THR A 218 -12.28 7.84 -7.04
CA THR A 218 -13.72 7.93 -6.80
C THR A 218 -14.04 7.64 -5.33
N ALA A 219 -13.46 6.57 -4.77
CA ALA A 219 -13.68 6.27 -3.36
C ALA A 219 -13.13 7.38 -2.47
N ASN A 220 -11.95 7.89 -2.83
CA ASN A 220 -11.31 8.98 -2.09
C ASN A 220 -12.20 10.21 -2.07
N ALA A 221 -12.69 10.64 -3.24
CA ALA A 221 -13.55 11.81 -3.32
C ALA A 221 -14.86 11.60 -2.57
N LEU A 222 -15.49 10.44 -2.74
CA LEU A 222 -16.77 10.21 -2.09
C LEU A 222 -16.64 10.30 -0.57
N PHE A 223 -15.56 9.77 -0.02
CA PHE A 223 -15.34 9.83 1.43
C PHE A 223 -15.08 11.28 1.88
N LYS A 224 -14.27 12.03 1.13
CA LYS A 224 -13.99 13.40 1.49
C LYS A 224 -15.24 14.27 1.40
N GLU A 225 -16.17 13.93 0.50
CA GLU A 225 -17.34 14.75 0.23
C GLU A 225 -18.56 14.32 1.03
N ASN A 226 -18.37 13.53 2.08
CA ASN A 226 -19.47 13.06 2.93
C ASN A 226 -20.49 12.25 2.14
N LYS A 227 -20.04 11.54 1.11
CA LYS A 227 -20.93 10.72 0.30
C LYS A 227 -20.65 9.23 0.46
N ALA A 228 -19.81 8.85 1.43
CA ALA A 228 -19.54 7.45 1.74
C ALA A 228 -19.37 7.33 3.25
N ALA A 229 -20.22 6.51 3.89
CA ALA A 229 -20.11 6.35 5.34
C ALA A 229 -18.84 5.62 5.72
N MET A 230 -18.45 4.63 4.93
CA MET A 230 -17.30 3.78 5.23
C MET A 230 -16.39 3.69 4.02
N LEU A 231 -15.11 3.48 4.28
CA LEU A 231 -14.08 3.40 3.26
C LEU A 231 -13.10 2.30 3.66
N ILE A 232 -12.52 1.61 2.68
CA ILE A 232 -11.34 0.80 2.96
C ILE A 232 -10.16 1.48 2.26
N ASN A 233 -9.15 1.84 3.04
CA ASN A 233 -7.99 2.53 2.50
C ASN A 233 -6.84 2.35 3.48
N GLY A 234 -5.66 2.83 3.07
CA GLY A 234 -4.44 2.58 3.82
C GLY A 234 -4.01 3.77 4.67
N ASP A 235 -2.99 3.54 5.49
CA ASP A 235 -2.54 4.61 6.39
C ASP A 235 -1.93 5.79 5.63
N TRP A 236 -1.56 5.61 4.35
CA TRP A 236 -1.09 6.73 3.55
C TRP A 236 -2.16 7.80 3.36
N SER A 237 -3.44 7.47 3.60
CA SER A 237 -4.53 8.39 3.31
C SER A 237 -4.94 9.24 4.51
N TRP A 238 -4.42 8.94 5.71
CA TRP A 238 -4.87 9.65 6.90
C TRP A 238 -4.65 11.15 6.78
N GLY A 239 -3.47 11.55 6.33
CA GLY A 239 -3.14 12.96 6.29
C GLY A 239 -4.08 13.75 5.40
N ASP A 240 -4.44 13.18 4.26
CA ASP A 240 -5.30 13.90 3.33
C ASP A 240 -6.74 13.97 3.82
N TYR A 241 -7.23 12.96 4.56
CA TYR A 241 -8.56 13.10 5.14
C TYR A 241 -8.57 14.11 6.28
N GLN A 242 -7.48 14.19 7.05
CA GLN A 242 -7.38 15.23 8.08
C GLN A 242 -7.39 16.61 7.46
N GLN A 243 -6.63 16.81 6.39
CA GLN A 243 -6.60 18.12 5.73
C GLN A 243 -7.96 18.46 5.14
N ALA A 244 -8.69 17.45 4.66
CA ALA A 244 -10.04 17.65 4.14
C ALA A 244 -11.09 17.77 5.23
N LYS A 245 -10.68 17.79 6.49
CA LYS A 245 -11.58 17.99 7.63
C LYS A 245 -12.62 16.89 7.75
N VAL A 246 -12.29 15.68 7.35
CA VAL A 246 -13.15 14.53 7.63
C VAL A 246 -12.87 14.08 9.06
N ASP A 247 -13.92 14.04 9.89
CA ASP A 247 -13.84 13.48 11.22
C ASP A 247 -14.03 11.97 11.11
N PHE A 248 -12.92 11.24 10.98
CA PHE A 248 -12.98 9.82 10.73
C PHE A 248 -12.42 9.02 11.90
N GLY A 249 -12.93 7.80 12.06
CA GLY A 249 -12.33 6.79 12.90
C GLY A 249 -11.77 5.68 12.02
N ILE A 250 -11.02 4.78 12.66
CA ILE A 250 -10.42 3.65 11.95
C ILE A 250 -10.71 2.38 12.73
N ALA A 251 -10.72 1.25 12.04
CA ALA A 251 -11.03 -0.04 12.65
C ALA A 251 -10.49 -1.14 11.76
N ARG A 252 -10.42 -2.34 12.32
CA ARG A 252 -10.14 -3.51 11.48
C ARG A 252 -11.18 -3.64 10.37
N ILE A 253 -10.73 -4.08 9.19
CA ILE A 253 -11.70 -4.56 8.20
C ILE A 253 -12.50 -5.65 8.91
N PRO A 254 -13.82 -5.61 8.88
CA PRO A 254 -14.61 -6.46 9.78
C PRO A 254 -14.40 -7.95 9.54
N MET A 255 -14.47 -8.72 10.62
CA MET A 255 -14.34 -10.16 10.57
C MET A 255 -15.41 -10.77 9.67
N ILE A 256 -15.03 -11.76 8.87
CA ILE A 256 -16.02 -12.43 8.04
C ILE A 256 -16.90 -13.30 8.91
N SER A 257 -18.21 -13.01 8.91
CA SER A 257 -19.12 -13.71 9.81
C SER A 257 -19.11 -15.22 9.60
N GLU A 258 -19.04 -15.66 8.34
CA GLU A 258 -19.13 -17.08 8.02
C GLU A 258 -17.92 -17.89 8.48
N THR A 259 -16.77 -17.23 8.64
CA THR A 259 -15.54 -17.95 8.94
C THR A 259 -14.94 -17.60 10.30
N GLY A 260 -15.37 -16.52 10.93
CA GLY A 260 -14.78 -16.11 12.18
C GLY A 260 -13.38 -15.55 12.06
N LYS A 261 -12.94 -15.19 10.85
CA LYS A 261 -11.58 -14.75 10.62
C LYS A 261 -11.54 -13.28 10.25
N TRP A 262 -10.58 -12.58 10.82
CA TRP A 262 -10.31 -11.20 10.44
C TRP A 262 -9.59 -11.15 9.10
N PRO A 263 -10.06 -10.37 8.14
CA PRO A 263 -9.25 -10.08 6.95
C PRO A 263 -7.89 -9.55 7.39
N SER A 264 -6.86 -10.00 6.69
CA SER A 264 -5.50 -9.78 7.13
C SER A 264 -4.82 -8.77 6.21
N PRO A 265 -4.65 -7.52 6.62
CA PRO A 265 -3.96 -6.56 5.77
C PRO A 265 -2.49 -6.94 5.61
N LEU A 266 -1.92 -6.57 4.47
CA LEU A 266 -0.48 -6.73 4.27
C LEU A 266 0.23 -5.56 4.93
N VAL A 267 1.17 -5.87 5.81
CA VAL A 267 1.88 -4.86 6.60
C VAL A 267 3.31 -4.79 6.10
N GLY A 268 3.80 -3.57 5.91
CA GLY A 268 5.17 -3.45 5.41
C GLY A 268 5.68 -2.02 5.44
N THR A 269 6.28 -1.58 4.35
CA THR A 269 6.84 -0.24 4.30
C THR A 269 6.80 0.26 2.87
N LYS A 270 7.10 1.54 2.71
CA LYS A 270 7.54 2.11 1.45
C LYS A 270 8.88 2.76 1.72
N GLY A 271 9.86 2.50 0.85
CA GLY A 271 11.20 2.96 1.21
C GLY A 271 12.07 3.21 0.01
N TYR A 272 13.30 3.63 0.30
CA TYR A 272 14.26 4.11 -0.70
C TYR A 272 15.21 3.01 -1.13
N SER A 273 15.51 2.97 -2.43
CA SER A 273 16.56 2.15 -2.99
C SER A 273 17.49 3.04 -3.81
N LEU A 274 18.75 2.61 -3.92
CA LEU A 274 19.77 3.31 -4.73
C LEU A 274 19.95 2.62 -6.08
N ASN A 275 19.90 3.41 -7.16
CA ASN A 275 20.13 2.92 -8.51
C ASN A 275 21.52 2.29 -8.63
N ALA A 276 21.59 1.13 -9.26
CA ALA A 276 22.88 0.57 -9.63
C ALA A 276 23.62 1.49 -10.60
N ASN A 277 22.89 2.24 -11.43
CA ASN A 277 23.46 3.21 -12.36
C ASN A 277 23.67 4.55 -11.65
N MET A 278 24.90 5.03 -11.59
CA MET A 278 25.21 6.36 -11.08
C MET A 278 26.11 7.07 -12.08
N LYS A 279 25.75 8.31 -12.42
CA LYS A 279 26.48 9.03 -13.46
C LYS A 279 27.92 9.30 -13.06
N SER A 280 28.20 9.48 -11.77
CA SER A 280 29.54 9.83 -11.33
C SER A 280 29.64 9.59 -9.83
N GLU A 281 30.86 9.68 -9.33
CA GLU A 281 31.08 9.53 -7.89
C GLU A 281 30.35 10.61 -7.11
N ALA A 282 30.30 11.83 -7.65
CA ALA A 282 29.62 12.93 -6.94
C ALA A 282 28.12 12.69 -6.87
N HIS A 283 27.53 12.11 -7.92
CA HIS A 283 26.12 11.79 -7.87
C HIS A 283 25.83 10.72 -6.82
N TYR A 284 26.70 9.70 -6.75
CA TYR A 284 26.53 8.63 -5.78
C TYR A 284 26.64 9.14 -4.35
N GLU A 285 27.68 9.93 -4.04
N GLU A 285 27.68 9.92 -4.06
CA GLU A 285 27.82 10.43 -2.68
CA GLU A 285 27.85 10.46 -2.70
C GLU A 285 26.69 11.38 -2.31
C GLU A 285 26.68 11.36 -2.32
N ALA A 286 26.18 12.14 -3.27
CA ALA A 286 25.02 13.00 -2.98
C ALA A 286 23.78 12.16 -2.72
N ALA A 287 23.60 11.07 -3.49
CA ALA A 287 22.43 10.21 -3.29
C ALA A 287 22.46 9.54 -1.93
N VAL A 288 23.66 9.13 -1.48
CA VAL A 288 23.76 8.49 -0.18
C VAL A 288 23.46 9.49 0.93
N LYS A 289 23.95 10.72 0.79
CA LYS A 289 23.62 11.77 1.76
C LYS A 289 22.12 12.00 1.84
N LEU A 290 21.46 12.06 0.68
CA LEU A 290 20.02 12.29 0.67
C LEU A 290 19.27 11.12 1.28
N LEU A 291 19.70 9.89 0.96
CA LEU A 291 19.08 8.69 1.53
C LEU A 291 19.18 8.68 3.05
N LYS A 292 20.35 9.02 3.59
CA LYS A 292 20.50 9.07 5.04
C LYS A 292 19.62 10.18 5.64
N TYR A 293 19.54 11.33 4.97
CA TYR A 293 18.71 12.42 5.47
C TYR A 293 17.23 12.05 5.46
N LEU A 294 16.74 11.46 4.37
CA LEU A 294 15.31 11.21 4.25
C LEU A 294 14.85 10.06 5.15
N THR A 295 15.78 9.28 5.70
CA THR A 295 15.43 8.28 6.68
C THR A 295 15.84 8.70 8.09
N SER A 296 16.36 9.92 8.26
CA SER A 296 16.79 10.37 9.58
C SER A 296 15.57 10.66 10.45
N THR A 297 15.79 10.63 11.76
CA THR A 297 14.66 10.77 12.67
C THR A 297 13.97 12.13 12.57
N PRO A 298 14.67 13.25 12.37
CA PRO A 298 13.94 14.51 12.13
C PRO A 298 12.97 14.45 10.96
N VAL A 299 13.33 13.79 9.85
CA VAL A 299 12.41 13.68 8.72
C VAL A 299 11.29 12.69 9.03
N GLN A 300 11.61 11.55 9.66
CA GLN A 300 10.56 10.60 10.02
C GLN A 300 9.53 11.24 10.93
N LEU A 301 9.97 12.07 11.88
CA LEU A 301 9.02 12.71 12.78
C LEU A 301 8.27 13.85 12.12
N LEU A 302 8.82 14.45 11.06
CA LEU A 302 8.04 15.40 10.27
C LEU A 302 6.85 14.72 9.64
N PHE A 303 7.07 13.55 9.02
CA PHE A 303 5.97 12.76 8.48
C PHE A 303 5.02 12.33 9.59
N ALA A 304 5.58 11.84 10.69
CA ALA A 304 4.74 11.41 11.81
C ALA A 304 3.85 12.56 12.28
N GLU A 305 4.38 13.78 12.31
CA GLU A 305 3.61 14.91 12.81
C GLU A 305 2.56 15.38 11.82
N LYS A 306 2.89 15.40 10.53
CA LYS A 306 2.01 16.02 9.55
C LYS A 306 1.04 15.05 8.88
N VAL A 307 1.39 13.77 8.72
CA VAL A 307 0.50 12.81 8.10
C VAL A 307 0.25 11.59 8.97
N GLY A 308 0.81 11.54 10.18
CA GLY A 308 0.30 10.66 11.21
C GLY A 308 0.77 9.23 11.19
N VAL A 309 1.80 8.90 10.40
CA VAL A 309 2.23 7.52 10.23
C VAL A 309 3.30 7.14 11.27
N LEU A 310 3.54 5.85 11.41
CA LEU A 310 4.46 5.32 12.42
C LEU A 310 5.90 5.32 11.90
N PRO A 311 6.85 5.97 12.58
CA PRO A 311 8.25 5.92 12.12
C PRO A 311 8.79 4.50 12.07
N SER A 312 9.74 4.30 11.16
CA SER A 312 10.48 3.04 11.13
C SER A 312 11.60 3.00 12.16
N ASN A 313 12.15 4.16 12.52
CA ASN A 313 13.23 4.19 13.51
C ASN A 313 12.66 3.94 14.91
N LEU A 314 13.26 3.00 15.63
CA LEU A 314 12.67 2.55 16.88
C LEU A 314 12.72 3.63 17.95
N GLN A 315 13.85 4.34 18.09
CA GLN A 315 13.92 5.40 19.09
C GLN A 315 13.00 6.56 18.76
N ALA A 316 12.76 6.82 17.47
CA ALA A 316 11.87 7.93 17.09
C ALA A 316 10.45 7.71 17.62
N ARG A 317 10.06 6.45 17.84
CA ARG A 317 8.73 6.15 18.35
C ARG A 317 8.54 6.57 19.80
N GLU A 318 9.60 6.96 20.50
CA GLU A 318 9.45 7.49 21.85
C GLU A 318 9.07 8.97 21.87
N SER A 319 8.98 9.61 20.71
CA SER A 319 8.58 11.01 20.62
C SER A 319 7.13 11.20 21.02
N ASP A 320 6.87 12.36 21.66
CA ASP A 320 5.49 12.79 21.92
C ASP A 320 4.65 12.81 20.66
N ILE A 321 5.27 13.11 19.53
CA ILE A 321 4.55 13.14 18.25
C ILE A 321 3.90 11.80 17.98
N VAL A 322 4.60 10.71 18.28
CA VAL A 322 4.09 9.36 18.08
C VAL A 322 3.16 8.96 19.21
N LYS A 323 3.59 9.18 20.46
CA LYS A 323 2.82 8.72 21.61
C LYS A 323 1.46 9.40 21.71
N ASN A 324 1.36 10.65 21.26
CA ASN A 324 0.12 11.41 21.39
C ASN A 324 -0.79 11.31 20.17
N ASN A 325 -0.42 10.52 19.18
CA ASN A 325 -1.24 10.35 17.98
C ASN A 325 -2.37 9.39 18.32
N PRO A 326 -3.64 9.83 18.30
CA PRO A 326 -4.72 8.95 18.77
C PRO A 326 -5.01 7.78 17.83
N LEU A 327 -4.48 7.79 16.61
CA LEU A 327 -4.70 6.67 15.70
C LEU A 327 -3.75 5.50 15.95
N LEU A 328 -2.61 5.72 16.58
CA LEU A 328 -1.58 4.69 16.44
C LEU A 328 -1.89 3.46 17.30
N LYS A 329 -2.63 3.61 18.40
CA LYS A 329 -2.97 2.44 19.19
C LYS A 329 -3.94 1.51 18.46
N ILE A 330 -5.00 2.06 17.85
CA ILE A 330 -5.89 1.23 17.06
C ILE A 330 -5.18 0.72 15.82
N SER A 331 -4.32 1.54 15.22
CA SER A 331 -3.54 1.09 14.07
C SER A 331 -2.68 -0.13 14.42
N ALA A 332 -2.11 -0.14 15.63
CA ALA A 332 -1.33 -1.30 16.05
C ALA A 332 -2.23 -2.53 16.19
N ASP A 333 -3.44 -2.33 16.73
N ASP A 333 -3.45 -2.33 16.70
CA ASP A 333 -4.42 -3.41 16.79
CA ASP A 333 -4.40 -3.44 16.80
C ASP A 333 -4.73 -3.95 15.40
C ASP A 333 -4.84 -3.93 15.43
N ILE A 334 -4.86 -3.05 14.42
CA ILE A 334 -5.18 -3.46 13.06
C ILE A 334 -4.03 -4.28 12.48
N MET A 335 -2.80 -3.81 12.66
CA MET A 335 -1.63 -4.52 12.15
C MET A 335 -1.41 -5.86 12.85
N GLU A 336 -1.96 -6.03 14.05
CA GLU A 336 -1.76 -7.25 14.82
C GLU A 336 -2.31 -8.47 14.11
N VAL A 337 -3.37 -8.32 13.32
CA VAL A 337 -3.89 -9.45 12.56
C VAL A 337 -3.45 -9.40 11.11
N GLY A 338 -2.46 -8.58 10.77
CA GLY A 338 -1.93 -8.52 9.42
C GLY A 338 -0.88 -9.59 9.20
N THR A 339 -0.39 -9.63 7.96
CA THR A 339 0.76 -10.47 7.66
C THR A 339 1.78 -9.65 6.87
N PRO A 340 3.07 -9.99 6.96
CA PRO A 340 4.09 -9.14 6.33
C PRO A 340 3.99 -9.17 4.81
N MET A 341 4.24 -8.02 4.21
CA MET A 341 4.25 -7.92 2.75
C MET A 341 5.34 -8.83 2.19
N PRO A 342 5.01 -9.76 1.29
CA PRO A 342 6.07 -10.54 0.65
C PRO A 342 6.77 -9.71 -0.43
N VAL A 343 8.06 -9.97 -0.63
CA VAL A 343 8.86 -9.14 -1.53
C VAL A 343 9.55 -9.92 -2.63
N THR A 344 9.40 -11.24 -2.67
CA THR A 344 10.05 -12.02 -3.73
C THR A 344 9.47 -11.64 -5.09
N PRO A 345 10.22 -11.83 -6.18
CA PRO A 345 9.71 -11.40 -7.49
C PRO A 345 8.47 -12.17 -7.91
N GLU A 346 8.27 -13.39 -7.37
CA GLU A 346 7.09 -14.16 -7.69
C GLU A 346 5.80 -13.42 -7.34
N VAL A 347 5.86 -12.54 -6.32
CA VAL A 347 4.66 -11.81 -5.90
C VAL A 347 4.17 -10.89 -7.01
N ARG A 348 5.08 -10.38 -7.82
CA ARG A 348 4.70 -9.54 -8.95
C ARG A 348 3.80 -10.30 -9.91
N ALA A 349 4.14 -11.55 -10.22
CA ALA A 349 3.30 -12.37 -11.08
C ALA A 349 1.93 -12.59 -10.45
N VAL A 350 1.89 -12.77 -9.13
CA VAL A 350 0.62 -12.97 -8.45
C VAL A 350 -0.26 -11.73 -8.57
N TRP A 351 0.31 -10.55 -8.29
CA TRP A 351 -0.49 -9.32 -8.42
C TRP A 351 -1.01 -9.15 -9.83
N ASP A 352 -0.13 -9.33 -10.83
CA ASP A 352 -0.55 -9.07 -12.21
C ASP A 352 -1.61 -10.05 -12.67
N SER A 353 -1.47 -11.33 -12.30
N SER A 353 -1.49 -11.33 -12.29
CA SER A 353 -2.49 -12.32 -12.66
CA SER A 353 -2.49 -12.32 -12.67
C SER A 353 -3.81 -12.05 -11.96
C SER A 353 -3.80 -12.07 -11.96
N LEU A 354 -3.76 -11.72 -10.67
CA LEU A 354 -4.99 -11.43 -9.95
C LEU A 354 -5.73 -10.25 -10.57
N ARG A 355 -5.00 -9.21 -10.98
N ARG A 355 -4.99 -9.21 -10.95
CA ARG A 355 -5.68 -8.04 -11.53
CA ARG A 355 -5.62 -8.03 -11.54
C ARG A 355 -6.37 -8.38 -12.84
C ARG A 355 -6.36 -8.40 -12.83
N ILE A 356 -5.69 -9.13 -13.71
CA ILE A 356 -6.26 -9.51 -15.00
C ILE A 356 -7.53 -10.33 -14.79
N GLN A 357 -7.46 -11.33 -13.92
CA GLN A 357 -8.60 -12.24 -13.78
C GLN A 357 -9.79 -11.55 -13.10
N TYR A 358 -9.55 -10.76 -12.04
CA TYR A 358 -10.70 -10.15 -11.37
C TYR A 358 -11.33 -9.06 -12.22
N GLN A 359 -10.55 -8.40 -13.07
CA GLN A 359 -11.15 -7.45 -14.00
C GLN A 359 -12.17 -8.15 -14.88
N LYS A 360 -11.87 -9.37 -15.32
CA LYS A 360 -12.79 -10.10 -16.17
C LYS A 360 -14.02 -10.56 -15.40
N VAL A 361 -13.84 -10.93 -14.14
CA VAL A 361 -14.99 -11.27 -13.29
C VAL A 361 -15.89 -10.07 -13.12
N LEU A 362 -15.31 -8.93 -12.71
CA LEU A 362 -16.14 -7.74 -12.48
C LEU A 362 -16.77 -7.24 -13.77
N ALA A 363 -16.12 -7.46 -14.92
CA ALA A 363 -16.73 -7.10 -16.19
C ALA A 363 -17.79 -8.10 -16.64
N GLY A 364 -17.91 -9.23 -15.97
CA GLY A 364 -18.99 -10.15 -16.24
C GLY A 364 -18.72 -11.19 -17.30
N SER A 365 -17.45 -11.49 -17.60
CA SER A 365 -17.17 -12.46 -18.65
C SER A 365 -16.62 -13.78 -18.11
N LEU A 366 -16.25 -13.83 -16.84
CA LEU A 366 -15.59 -14.99 -16.24
C LEU A 366 -16.23 -15.28 -14.90
N GLN A 367 -16.60 -16.54 -14.65
CA GLN A 367 -17.12 -16.92 -13.34
C GLN A 367 -15.99 -16.97 -12.30
N PRO A 368 -16.29 -16.71 -11.03
CA PRO A 368 -15.24 -16.69 -10.00
C PRO A 368 -14.36 -17.93 -9.93
N GLN A 369 -14.94 -19.13 -9.99
CA GLN A 369 -14.12 -20.33 -9.91
C GLN A 369 -13.13 -20.42 -11.08
N ALA A 370 -13.63 -20.18 -12.30
CA ALA A 370 -12.76 -20.20 -13.47
C ALA A 370 -11.65 -19.15 -13.36
N ALA A 371 -11.98 -18.00 -12.80
CA ALA A 371 -10.99 -16.93 -12.65
C ALA A 371 -9.88 -17.31 -11.68
N ALA A 372 -10.24 -17.97 -10.56
CA ALA A 372 -9.20 -18.44 -9.63
C ALA A 372 -8.30 -19.48 -10.30
N GLU A 373 -8.89 -20.39 -11.06
CA GLU A 373 -8.10 -21.39 -11.77
C GLU A 373 -7.13 -20.71 -12.74
N GLN A 374 -7.62 -19.75 -13.52
N GLN A 374 -7.64 -19.75 -13.52
CA GLN A 374 -6.77 -19.09 -14.50
CA GLN A 374 -6.81 -19.05 -14.50
C GLN A 374 -5.80 -18.09 -13.88
C GLN A 374 -5.77 -18.16 -13.82
N ALA A 375 -6.12 -17.56 -12.69
CA ALA A 375 -5.14 -16.77 -11.96
C ALA A 375 -3.91 -17.61 -11.61
N GLN A 376 -4.13 -18.84 -11.15
CA GLN A 376 -3.00 -19.72 -10.84
C GLN A 376 -2.20 -20.05 -12.10
N ILE A 377 -2.90 -20.42 -13.18
CA ILE A 377 -2.19 -20.83 -14.39
C ILE A 377 -1.36 -19.67 -14.93
N THR A 378 -1.96 -18.49 -14.99
N THR A 378 -1.95 -18.47 -15.01
CA THR A 378 -1.28 -17.32 -15.55
CA THR A 378 -1.20 -17.36 -15.59
C THR A 378 -0.09 -16.90 -14.68
C THR A 378 -0.08 -16.88 -14.67
N ALA A 379 -0.25 -16.97 -13.36
CA ALA A 379 0.85 -16.60 -12.46
C ALA A 379 2.02 -17.55 -12.64
N GLU A 380 1.74 -18.86 -12.73
CA GLU A 380 2.81 -19.82 -12.93
C GLU A 380 3.49 -19.60 -14.27
N GLN A 381 2.72 -19.28 -15.31
CA GLN A 381 3.34 -18.99 -16.60
C GLN A 381 4.23 -17.75 -16.54
N GLN A 382 3.76 -16.68 -15.89
CA GLN A 382 4.58 -15.47 -15.78
C GLN A 382 5.85 -15.74 -15.00
N ILE A 383 5.79 -16.59 -13.97
CA ILE A 383 6.99 -16.93 -13.21
C ILE A 383 7.94 -17.77 -14.07
N ARG A 384 7.39 -18.71 -14.84
CA ARG A 384 8.21 -19.48 -15.78
C ARG A 384 8.93 -18.55 -16.75
N ASP A 385 8.19 -17.59 -17.30
CA ASP A 385 8.78 -16.58 -18.18
C ASP A 385 9.60 -15.60 -17.34
#